data_3F6V
#
_entry.id   3F6V
#
_cell.length_a   42.106
_cell.length_b   42.106
_cell.length_c   104.219
_cell.angle_alpha   90.00
_cell.angle_beta   90.00
_cell.angle_gamma   90.00
#
_symmetry.space_group_name_H-M   'P 41 21 2'
#
loop_
_entity.id
_entity.type
_entity.pdbx_description
1 polymer 'Possible transcriptional regulator, ArsR family protein'
2 non-polymer 'MAGNESIUM ION'
3 water water
#
_entity_poly.entity_id   1
_entity_poly.type   'polypeptide(L)'
_entity_poly.pdbx_seq_one_letter_code
;MGSSHHHHHHSSGRENLYFQGHMNSPTSRPLRRDPLHNALVTTNVLVVLDQLEVAAEPTRRRLVQLLTSGEQTVNNLAAH
FPASRSAISQHLRVLTEAGLVTPRKDGRFRYYRLDPQGLAQLRALFDSFWIDELDRLVADATEEAASKGDS
;
_entity_poly.pdbx_strand_id   A
#
loop_
_chem_comp.id
_chem_comp.type
_chem_comp.name
_chem_comp.formula
MG non-polymer 'MAGNESIUM ION' 'Mg 2'
#
# COMPACT_ATOMS: atom_id res chain seq x y z
N VAL A 48 2.16 -14.73 9.53
CA VAL A 48 1.31 -13.49 9.41
C VAL A 48 1.67 -12.70 8.12
N LEU A 49 0.94 -11.61 7.83
CA LEU A 49 1.23 -10.87 6.58
C LEU A 49 2.48 -10.02 6.70
N ASP A 50 3.38 -10.13 5.71
CA ASP A 50 4.54 -9.30 5.67
C ASP A 50 4.20 -8.02 4.88
N GLN A 51 4.43 -6.83 5.45
CA GLN A 51 3.95 -5.59 4.84
C GLN A 51 4.63 -5.35 3.53
N LEU A 52 5.93 -5.70 3.43
CA LEU A 52 6.64 -5.45 2.21
C LEU A 52 6.16 -6.37 1.10
N GLU A 53 5.97 -7.65 1.38
CA GLU A 53 5.44 -8.56 0.39
C GLU A 53 4.06 -8.07 -0.10
N VAL A 54 3.19 -7.71 0.84
CA VAL A 54 1.83 -7.25 0.45
C VAL A 54 1.87 -5.96 -0.36
N ALA A 55 2.65 -5.02 0.11
CA ALA A 55 2.67 -3.69 -0.52
C ALA A 55 3.26 -3.71 -1.90
N ALA A 56 4.18 -4.66 -2.15
CA ALA A 56 4.93 -4.65 -3.39
C ALA A 56 4.12 -5.05 -4.62
N GLU A 57 2.92 -5.63 -4.45
CA GLU A 57 2.08 -5.98 -5.58
C GLU A 57 1.79 -4.63 -6.32
N PRO A 58 1.93 -4.59 -7.67
CA PRO A 58 1.96 -3.28 -8.34
C PRO A 58 0.66 -2.43 -8.23
N THR A 59 -0.50 -3.05 -8.20
CA THR A 59 -1.74 -2.28 -7.97
C THR A 59 -1.74 -1.74 -6.54
N ARG A 60 -1.36 -2.57 -5.55
CA ARG A 60 -1.26 -2.07 -4.21
C ARG A 60 -0.25 -0.91 -4.07
N ARG A 61 0.89 -0.96 -4.77
CA ARG A 61 1.84 0.17 -4.71
C ARG A 61 1.16 1.44 -5.15
N ARG A 62 0.42 1.33 -6.26
CA ARG A 62 -0.22 2.55 -6.80
C ARG A 62 -1.33 3.02 -5.85
N LEU A 63 -2.06 2.09 -5.24
CA LEU A 63 -3.12 2.51 -4.30
C LEU A 63 -2.49 3.25 -3.12
N VAL A 64 -1.35 2.77 -2.62
CA VAL A 64 -0.67 3.45 -1.53
C VAL A 64 -0.24 4.86 -1.97
N GLN A 65 0.33 5.00 -3.19
CA GLN A 65 0.67 6.35 -3.70
C GLN A 65 -0.54 7.25 -3.80
N LEU A 66 -1.64 6.73 -4.34
CA LEU A 66 -2.84 7.54 -4.47
C LEU A 66 -3.32 8.06 -3.12
N LEU A 67 -3.27 7.24 -2.10
CA LEU A 67 -3.74 7.63 -0.79
C LEU A 67 -2.87 8.68 -0.10
N THR A 68 -1.71 8.99 -0.67
CA THR A 68 -0.88 10.06 -0.05
C THR A 68 -1.51 11.44 -0.14
N SER A 69 -2.47 11.58 -1.05
CA SER A 69 -3.19 12.85 -1.17
CA SER A 69 -3.21 12.83 -1.20
C SER A 69 -4.41 12.92 -0.23
N GLY A 70 -4.60 11.92 0.62
CA GLY A 70 -5.62 11.95 1.65
C GLY A 70 -6.56 10.76 1.54
N GLU A 71 -7.42 10.68 2.54
CA GLU A 71 -8.41 9.63 2.64
CA GLU A 71 -8.43 9.64 2.67
C GLU A 71 -9.36 9.69 1.45
N GLN A 72 -9.62 8.55 0.84
CA GLN A 72 -10.43 8.43 -0.39
C GLN A 72 -11.37 7.25 -0.43
N THR A 73 -12.43 7.36 -1.25
CA THR A 73 -13.37 6.27 -1.36
C THR A 73 -12.87 5.20 -2.25
N VAL A 74 -13.42 4.05 -1.98
CA VAL A 74 -13.15 2.92 -2.83
C VAL A 74 -13.43 3.24 -4.30
N ASN A 75 -14.59 3.84 -4.59
CA ASN A 75 -14.94 4.14 -5.98
C ASN A 75 -14.02 5.14 -6.62
N ASN A 76 -13.59 6.14 -5.87
CA ASN A 76 -12.68 7.14 -6.41
CA ASN A 76 -12.62 7.13 -6.40
C ASN A 76 -11.28 6.54 -6.72
N LEU A 77 -10.79 5.67 -5.85
CA LEU A 77 -9.51 5.01 -6.07
C LEU A 77 -9.60 4.08 -7.26
N ALA A 78 -10.71 3.35 -7.31
CA ALA A 78 -10.92 2.36 -8.35
C ALA A 78 -10.94 2.96 -9.75
N ALA A 79 -11.29 4.24 -9.86
CA ALA A 79 -11.36 4.98 -11.14
C ALA A 79 -10.01 5.26 -11.77
N HIS A 80 -8.94 5.04 -11.01
CA HIS A 80 -7.59 5.12 -11.57
C HIS A 80 -7.04 3.85 -12.25
N PHE A 81 -7.83 2.78 -12.26
CA PHE A 81 -7.38 1.50 -12.80
C PHE A 81 -8.42 0.88 -13.74
N PRO A 82 -7.95 0.09 -14.73
CA PRO A 82 -8.90 -0.74 -15.49
C PRO A 82 -9.66 -1.79 -14.66
N ALA A 83 -9.12 -2.21 -13.52
CA ALA A 83 -9.76 -3.22 -12.68
C ALA A 83 -11.05 -2.71 -12.04
N SER A 84 -11.95 -3.64 -11.72
CA SER A 84 -13.25 -3.31 -11.13
C SER A 84 -13.16 -2.75 -9.72
N ARG A 85 -14.23 -2.11 -9.27
CA ARG A 85 -14.40 -1.78 -7.85
C ARG A 85 -14.17 -2.97 -6.94
N SER A 86 -14.66 -4.13 -7.33
CA SER A 86 -14.57 -5.30 -6.49
C SER A 86 -13.09 -5.69 -6.32
N ALA A 87 -12.36 -5.66 -7.44
CA ALA A 87 -10.92 -5.95 -7.46
C ALA A 87 -10.12 -5.01 -6.58
N ILE A 88 -10.41 -3.72 -6.70
CA ILE A 88 -9.73 -2.71 -5.93
C ILE A 88 -10.11 -2.81 -4.47
N SER A 89 -11.40 -3.00 -4.19
CA SER A 89 -11.86 -3.31 -2.84
C SER A 89 -11.06 -4.46 -2.17
N GLN A 90 -10.85 -5.56 -2.89
N GLN A 90 -10.87 -5.57 -2.89
CA GLN A 90 -10.11 -6.70 -2.33
CA GLN A 90 -10.12 -6.71 -2.38
C GLN A 90 -8.65 -6.35 -2.05
C GLN A 90 -8.68 -6.31 -2.03
N HIS A 91 -8.01 -5.60 -2.94
CA HIS A 91 -6.61 -5.11 -2.69
C HIS A 91 -6.62 -4.25 -1.43
N LEU A 92 -7.63 -3.37 -1.27
CA LEU A 92 -7.69 -2.53 -0.06
C LEU A 92 -7.90 -3.35 1.22
N ARG A 93 -8.65 -4.45 1.13
CA ARG A 93 -8.82 -5.37 2.27
CA ARG A 93 -8.80 -5.31 2.32
C ARG A 93 -7.49 -6.03 2.67
N VAL A 94 -6.72 -6.43 1.65
CA VAL A 94 -5.40 -7.04 1.90
C VAL A 94 -4.48 -6.00 2.57
N LEU A 95 -4.48 -4.77 2.05
CA LEU A 95 -3.63 -3.73 2.62
C LEU A 95 -4.10 -3.44 4.07
N THR A 96 -5.41 -3.55 4.33
CA THR A 96 -5.94 -3.29 5.67
C THR A 96 -5.47 -4.36 6.64
N GLU A 97 -5.51 -5.61 6.19
CA GLU A 97 -5.07 -6.74 7.02
CA GLU A 97 -5.07 -6.69 7.06
C GLU A 97 -3.58 -6.61 7.35
N ALA A 98 -2.82 -6.09 6.40
CA ALA A 98 -1.38 -5.85 6.61
C ALA A 98 -1.07 -4.62 7.45
N GLY A 99 -2.09 -3.87 7.89
CA GLY A 99 -1.88 -2.70 8.70
C GLY A 99 -1.39 -1.47 7.97
N LEU A 100 -1.55 -1.45 6.64
CA LEU A 100 -1.04 -0.35 5.83
C LEU A 100 -2.09 0.73 5.54
N VAL A 101 -3.36 0.31 5.56
CA VAL A 101 -4.48 1.26 5.36
C VAL A 101 -5.52 0.99 6.41
N THR A 102 -6.45 1.93 6.56
CA THR A 102 -7.47 1.87 7.61
C THR A 102 -8.79 2.29 6.97
N PRO A 103 -9.85 1.51 7.20
CA PRO A 103 -11.17 1.83 6.61
C PRO A 103 -12.04 2.66 7.56
N ARG A 104 -12.97 3.38 6.97
CA ARG A 104 -13.99 4.15 7.75
C ARG A 104 -15.24 4.15 6.91
N LYS A 105 -16.41 3.97 7.50
CA LYS A 105 -17.65 4.10 6.74
CA LYS A 105 -17.63 4.11 6.73
C LYS A 105 -18.39 5.36 7.18
N ASP A 106 -18.94 6.10 6.21
CA ASP A 106 -19.81 7.26 6.48
C ASP A 106 -20.90 7.18 5.41
N GLY A 107 -22.09 6.76 5.83
CA GLY A 107 -23.21 6.63 4.90
C GLY A 107 -22.98 5.57 3.83
N ARG A 108 -23.11 6.00 2.59
CA ARG A 108 -22.98 5.13 1.41
C ARG A 108 -21.56 5.01 0.88
N PHE A 109 -20.56 5.53 1.61
CA PHE A 109 -19.17 5.50 1.13
C PHE A 109 -18.28 4.76 2.10
N ARG A 110 -17.29 4.08 1.57
N ARG A 110 -17.26 4.12 1.53
CA ARG A 110 -16.30 3.48 2.43
CA ARG A 110 -16.23 3.38 2.27
C ARG A 110 -15.07 4.25 2.04
C ARG A 110 -14.89 4.08 2.01
N TYR A 111 -14.34 4.71 3.05
CA TYR A 111 -13.12 5.49 2.87
C TYR A 111 -11.91 4.72 3.38
N TYR A 112 -10.79 4.88 2.69
CA TYR A 112 -9.51 4.30 3.13
C TYR A 112 -8.48 5.39 3.27
N ARG A 113 -7.59 5.22 4.24
CA ARG A 113 -6.49 6.16 4.46
C ARG A 113 -5.24 5.36 4.86
N LEU A 114 -4.08 5.96 4.61
CA LEU A 114 -2.82 5.32 4.99
C LEU A 114 -2.65 5.30 6.48
N ASP A 115 -2.05 4.19 6.99
CA ASP A 115 -1.73 4.09 8.40
C ASP A 115 -0.20 4.25 8.59
N PRO A 116 0.27 5.36 9.19
CA PRO A 116 1.71 5.51 9.45
C PRO A 116 2.35 4.34 10.19
N GLN A 117 1.61 3.66 11.05
CA GLN A 117 2.21 2.55 11.83
C GLN A 117 2.68 1.48 10.84
N GLY A 118 1.83 1.16 9.88
CA GLY A 118 2.16 0.12 8.91
C GLY A 118 3.22 0.59 7.97
N LEU A 119 3.14 1.84 7.55
CA LEU A 119 4.18 2.37 6.65
C LEU A 119 5.55 2.33 7.33
N ALA A 120 5.64 2.63 8.63
CA ALA A 120 6.92 2.58 9.32
C ALA A 120 7.46 1.15 9.30
N GLN A 121 6.61 0.14 9.47
CA GLN A 121 7.11 -1.24 9.42
CA GLN A 121 7.00 -1.29 9.43
C GLN A 121 7.51 -1.63 8.01
N LEU A 122 6.77 -1.19 7.00
CA LEU A 122 7.14 -1.41 5.62
CA LEU A 122 7.17 -1.42 5.59
C LEU A 122 8.55 -0.84 5.35
N ARG A 123 8.78 0.41 5.73
CA ARG A 123 10.06 1.04 5.48
CA ARG A 123 10.07 1.09 5.55
C ARG A 123 11.17 0.31 6.23
N ALA A 124 10.89 -0.13 7.47
CA ALA A 124 11.88 -0.91 8.26
C ALA A 124 12.23 -2.21 7.54
N LEU A 125 11.22 -2.91 7.00
CA LEU A 125 11.49 -4.18 6.31
C LEU A 125 12.34 -3.92 5.10
N PHE A 126 12.06 -2.86 4.34
CA PHE A 126 12.87 -2.64 3.14
C PHE A 126 14.29 -2.25 3.52
N ASP A 127 14.44 -1.40 4.55
CA ASP A 127 15.77 -0.98 5.00
C ASP A 127 16.59 -2.18 5.50
N SER A 128 15.96 -3.14 6.17
CA SER A 128 16.77 -4.26 6.62
CA SER A 128 16.63 -4.36 6.66
CA SER A 128 16.65 -4.34 6.65
C SER A 128 17.06 -5.19 5.45
N PHE A 129 16.18 -5.27 4.45
CA PHE A 129 16.46 -6.09 3.28
C PHE A 129 17.63 -5.53 2.49
N TRP A 130 17.57 -4.22 2.20
CA TRP A 130 18.46 -3.63 1.21
C TRP A 130 19.82 -3.26 1.82
N ILE A 131 20.61 -4.32 1.98
CA ILE A 131 21.94 -4.18 2.55
C ILE A 131 22.95 -3.54 1.61
N ASP A 132 24.08 -3.07 2.17
CA ASP A 132 25.02 -2.26 1.39
C ASP A 132 25.49 -2.90 0.10
N GLU A 133 25.75 -4.21 0.13
CA GLU A 133 26.31 -4.81 -1.07
C GLU A 133 25.31 -4.71 -2.23
N LEU A 134 23.99 -4.65 -1.93
CA LEU A 134 23.01 -4.50 -3.01
C LEU A 134 23.18 -3.14 -3.71
N ASP A 135 23.42 -2.07 -2.93
CA ASP A 135 23.74 -0.77 -3.53
C ASP A 135 25.03 -0.81 -4.36
N ARG A 136 26.03 -1.53 -3.84
CA ARG A 136 27.28 -1.66 -4.55
C ARG A 136 27.06 -2.37 -5.91
N LEU A 137 26.25 -3.43 -5.90
CA LEU A 137 25.94 -4.14 -7.17
C LEU A 137 25.15 -3.27 -8.15
N VAL A 138 24.20 -2.49 -7.62
CA VAL A 138 23.44 -1.60 -8.51
C VAL A 138 24.40 -0.67 -9.25
N ALA A 139 25.44 -0.20 -8.56
CA ALA A 139 26.41 0.68 -9.19
C ALA A 139 27.25 -0.02 -10.25
N ASP A 140 27.30 -1.35 -10.22
CA ASP A 140 27.98 -2.15 -11.28
C ASP A 140 27.13 -2.29 -12.57
N ALA A 141 25.84 -2.01 -12.50
CA ALA A 141 24.96 -2.19 -13.63
C ALA A 141 25.32 -1.26 -14.78
N THR A 142 25.13 -1.78 -15.99
CA THR A 142 25.29 -1.01 -17.22
C THR A 142 23.93 -0.59 -17.80
N GLU A 143 23.97 0.45 -18.65
CA GLU A 143 22.88 0.77 -19.60
C GLU A 143 23.37 1.89 -20.51
MG MG B . -4.03 8.99 10.36
#